data_2RJO
#
_entry.id   2RJO
#
_cell.length_a   51.197
_cell.length_b   51.504
_cell.length_c   138.757
_cell.angle_alpha   90.00
_cell.angle_beta   90.00
_cell.angle_gamma   90.00
#
_symmetry.space_group_name_H-M   'P 21 21 21'
#
loop_
_entity.id
_entity.type
_entity.pdbx_description
1 polymer 'Twin-arginine translocation pathway signal protein'
2 non-polymer beta-D-galactopyranose
3 non-polymer 'SULFATE ION'
4 water water
#
_entity_poly.entity_id   1
_entity_poly.type   'polypeptide(L)'
_entity_poly.pdbx_seq_one_letter_code
;(MSE)SLGQTTLACSFRSLTNPYYTAFNKGAQSFAKSVGLPYVPLTTEGSSEKGIADIRALLQKTGGNLVLNVDPNDSAD
ARVIVEACSKAGAYVTTIWNKPKDLHPWDYNPNYVAHLSYDGVAYGEETATQLFKS(MSE)GGKGGVVALGGIFSNVPAI
ERKAGLDAALKKFPGIQLLDFQVADWNSQKAFPI(MSE)QAW(MSE)TRFNSKIKGVWAANDD(MSE)ALGAIEALRAEG
LAGQIPVTG(MSE)DGTQPGLVAIKSGELVASVDWDPFWLGGIGLS(MSE)GLQAKEKKIDLATLPKDRRESFCTATFVT
KTNVQDVIARAASPKAEWNNLYARVAGPVVYREGHHHHHH
;
_entity_poly.pdbx_strand_id   A
#
# COMPACT_ATOMS: atom_id res chain seq x y z
N LEU A 3 16.58 -25.87 17.46
CA LEU A 3 16.79 -24.89 16.38
C LEU A 3 16.43 -25.47 15.01
N GLY A 4 15.26 -25.10 14.51
CA GLY A 4 14.80 -25.61 13.22
C GLY A 4 14.94 -24.57 12.11
N GLN A 5 14.03 -24.64 11.13
CA GLN A 5 14.07 -23.71 10.01
C GLN A 5 13.56 -22.35 10.41
N THR A 6 14.02 -21.33 9.71
CA THR A 6 13.58 -19.97 9.96
C THR A 6 12.15 -19.89 9.45
N THR A 7 11.28 -19.19 10.18
CA THR A 7 9.91 -19.05 9.74
C THR A 7 9.73 -17.70 9.06
N LEU A 8 8.98 -17.67 7.96
CA LEU A 8 8.73 -16.43 7.28
C LEU A 8 7.27 -16.08 7.57
N ALA A 9 7.01 -14.85 7.99
CA ALA A 9 5.64 -14.43 8.29
C ALA A 9 5.32 -13.09 7.66
N CYS A 10 4.05 -12.91 7.30
CA CYS A 10 3.60 -11.67 6.69
C CYS A 10 2.32 -11.18 7.38
N SER A 11 2.38 -9.98 7.94
CA SER A 11 1.23 -9.40 8.64
C SER A 11 0.60 -8.25 7.88
N PHE A 12 -0.72 -8.29 7.73
CA PHE A 12 -1.45 -7.25 7.04
C PHE A 12 -2.91 -7.16 7.50
N ARG A 13 -3.59 -6.09 7.08
CA ARG A 13 -4.96 -5.86 7.51
C ARG A 13 -6.03 -6.87 7.08
N SER A 14 -6.23 -7.07 5.77
CA SER A 14 -7.27 -8.01 5.34
C SER A 14 -7.14 -8.68 4.00
N LEU A 15 -7.73 -9.88 3.89
CA LEU A 15 -7.71 -10.64 2.64
C LEU A 15 -8.85 -10.21 1.72
N THR A 16 -9.69 -9.30 2.19
CA THR A 16 -10.82 -8.85 1.37
C THR A 16 -10.44 -7.81 0.33
N ASN A 17 -9.31 -7.13 0.56
CA ASN A 17 -8.79 -6.10 -0.36
C ASN A 17 -7.82 -6.80 -1.31
N PRO A 18 -8.12 -6.79 -2.61
CA PRO A 18 -7.23 -7.45 -3.57
C PRO A 18 -5.76 -7.01 -3.46
N TYR A 19 -5.54 -5.81 -2.92
CA TYR A 19 -4.19 -5.32 -2.74
C TYR A 19 -3.41 -6.33 -1.88
N TYR A 20 -4.01 -6.73 -0.76
CA TYR A 20 -3.41 -7.67 0.16
C TYR A 20 -3.46 -9.11 -0.33
N THR A 21 -4.39 -9.41 -1.24
CA THR A 21 -4.47 -10.76 -1.76
C THR A 21 -3.16 -11.03 -2.50
N ALA A 22 -2.71 -10.03 -3.25
CA ALA A 22 -1.47 -10.11 -4.01
C ALA A 22 -0.26 -10.01 -3.08
N PHE A 23 -0.35 -9.10 -2.11
CA PHE A 23 0.73 -8.91 -1.15
C PHE A 23 1.08 -10.26 -0.51
N ASN A 24 0.04 -10.98 -0.10
CA ASN A 24 0.17 -12.27 0.52
C ASN A 24 0.73 -13.31 -0.46
N LYS A 25 0.28 -13.22 -1.72
CA LYS A 25 0.70 -14.13 -2.78
C LYS A 25 2.21 -14.01 -2.99
N GLY A 26 2.70 -12.77 -3.02
CA GLY A 26 4.11 -12.53 -3.20
C GLY A 26 4.97 -13.10 -2.09
N ALA A 27 4.53 -12.93 -0.83
CA ALA A 27 5.28 -13.45 0.31
C ALA A 27 5.33 -14.97 0.21
N GLN A 28 4.15 -15.54 -0.05
CA GLN A 28 3.94 -16.96 -0.22
C GLN A 28 4.91 -17.47 -1.28
N SER A 29 4.99 -16.74 -2.40
CA SER A 29 5.87 -17.12 -3.49
C SER A 29 7.35 -17.03 -3.13
N PHE A 30 7.71 -16.08 -2.28
CA PHE A 30 9.12 -15.98 -1.90
C PHE A 30 9.51 -17.10 -0.94
N ALA A 31 8.63 -17.40 0.02
CA ALA A 31 8.92 -18.46 0.96
C ALA A 31 9.15 -19.73 0.15
N LYS A 32 8.29 -19.92 -0.85
CA LYS A 32 8.34 -21.06 -1.75
C LYS A 32 9.72 -21.23 -2.37
N SER A 33 10.23 -20.14 -2.91
CA SER A 33 11.52 -20.14 -3.58
C SER A 33 12.68 -20.54 -2.67
N VAL A 34 12.64 -20.11 -1.41
CA VAL A 34 13.72 -20.45 -0.48
C VAL A 34 13.41 -21.71 0.34
N GLY A 35 12.26 -22.31 0.11
CA GLY A 35 11.89 -23.50 0.84
C GLY A 35 11.75 -23.35 2.34
N LEU A 36 11.20 -22.22 2.78
CA LEU A 36 11.00 -21.99 4.22
C LEU A 36 9.51 -21.92 4.55
N PRO A 37 9.12 -22.38 5.74
CA PRO A 37 7.71 -22.34 6.12
C PRO A 37 7.19 -20.91 6.12
N TYR A 38 5.94 -20.76 5.68
CA TYR A 38 5.31 -19.45 5.58
C TYR A 38 4.10 -19.34 6.50
N VAL A 39 3.93 -18.16 7.11
CA VAL A 39 2.82 -17.92 8.02
C VAL A 39 2.15 -16.57 7.75
N PRO A 40 0.93 -16.60 7.20
CA PRO A 40 0.27 -15.32 6.95
C PRO A 40 -0.49 -14.88 8.19
N LEU A 41 -0.47 -13.59 8.49
CA LEU A 41 -1.19 -13.09 9.65
C LEU A 41 -2.11 -11.94 9.22
N THR A 42 -3.39 -12.04 9.57
CA THR A 42 -4.37 -11.01 9.21
C THR A 42 -4.96 -10.42 10.48
N THR A 43 -4.88 -9.10 10.63
CA THR A 43 -5.39 -8.39 11.80
C THR A 43 -6.88 -8.08 11.73
N GLU A 44 -7.35 -7.83 10.51
CA GLU A 44 -8.75 -7.48 10.23
C GLU A 44 -9.12 -6.14 10.87
N GLY A 45 -8.12 -5.29 11.04
CA GLY A 45 -8.35 -3.96 11.58
C GLY A 45 -8.05 -3.78 13.05
N SER A 46 -7.77 -4.88 13.72
CA SER A 46 -7.46 -4.85 15.15
C SER A 46 -5.97 -4.78 15.41
N SER A 47 -5.47 -3.60 15.79
CA SER A 47 -4.06 -3.44 16.08
C SER A 47 -3.68 -4.37 17.24
N GLU A 48 -4.65 -4.58 18.12
CA GLU A 48 -4.48 -5.44 19.30
C GLU A 48 -4.24 -6.89 18.88
N LYS A 49 -5.00 -7.35 17.90
CA LYS A 49 -4.84 -8.72 17.41
C LYS A 49 -3.50 -8.89 16.67
N GLY A 50 -3.16 -7.91 15.84
CA GLY A 50 -1.92 -7.97 15.09
C GLY A 50 -0.67 -8.12 15.95
N ILE A 51 -0.59 -7.33 17.01
CA ILE A 51 0.59 -7.42 17.85
C ILE A 51 0.55 -8.70 18.70
N ALA A 52 -0.65 -9.13 19.07
CA ALA A 52 -0.80 -10.34 19.86
C ALA A 52 -0.29 -11.53 19.07
N ASP A 53 -0.70 -11.64 17.81
CA ASP A 53 -0.29 -12.72 16.93
C ASP A 53 1.22 -12.73 16.68
N ILE A 54 1.78 -11.55 16.46
CA ILE A 54 3.20 -11.42 16.21
C ILE A 54 3.97 -11.91 17.43
N ARG A 55 3.46 -11.57 18.62
CA ARG A 55 4.09 -12.01 19.86
C ARG A 55 3.99 -13.52 19.99
N ALA A 56 2.82 -14.07 19.72
CA ALA A 56 2.64 -15.50 19.82
C ALA A 56 3.62 -16.24 18.90
N LEU A 57 3.84 -15.69 17.71
CA LEU A 57 4.75 -16.31 16.74
C LEU A 57 6.21 -16.14 17.17
N LEU A 58 6.55 -14.98 17.70
CA LEU A 58 7.91 -14.74 18.14
C LEU A 58 8.27 -15.74 19.22
N GLN A 59 7.27 -16.13 20.02
CA GLN A 59 7.47 -17.11 21.09
C GLN A 59 7.64 -18.54 20.61
N LYS A 60 6.79 -18.98 19.70
CA LYS A 60 6.87 -20.35 19.18
C LYS A 60 8.07 -20.60 18.28
N THR A 61 8.74 -19.54 17.84
CA THR A 61 9.91 -19.71 16.98
C THR A 61 11.18 -19.36 17.72
N GLY A 62 11.05 -19.01 19.00
CA GLY A 62 12.20 -18.65 19.78
C GLY A 62 12.95 -17.52 19.08
N GLY A 63 12.20 -16.66 18.40
CA GLY A 63 12.81 -15.54 17.69
C GLY A 63 13.30 -15.86 16.28
N ASN A 64 13.40 -17.13 15.93
CA ASN A 64 13.87 -17.52 14.61
C ASN A 64 12.78 -17.20 13.58
N LEU A 65 12.57 -15.91 13.33
CA LEU A 65 11.54 -15.47 12.42
C LEU A 65 11.90 -14.22 11.61
N VAL A 66 11.37 -14.15 10.39
CA VAL A 66 11.58 -13.03 9.50
C VAL A 66 10.18 -12.50 9.15
N LEU A 67 9.88 -11.30 9.63
CA LEU A 67 8.58 -10.70 9.42
C LEU A 67 8.53 -9.53 8.44
N ASN A 68 7.55 -9.54 7.54
CA ASN A 68 7.34 -8.46 6.58
C ASN A 68 5.94 -7.96 6.91
N VAL A 69 5.86 -6.83 7.60
CA VAL A 69 4.57 -6.30 8.04
C VAL A 69 4.16 -4.90 7.57
N ASP A 70 2.86 -4.78 7.31
CA ASP A 70 2.21 -3.54 6.90
C ASP A 70 1.41 -3.18 8.17
N PRO A 71 1.98 -2.37 9.07
CA PRO A 71 1.31 -1.97 10.31
C PRO A 71 -0.08 -1.38 10.10
N ASN A 72 -1.05 -1.91 10.85
CA ASN A 72 -2.45 -1.47 10.79
C ASN A 72 -2.50 0.05 10.99
N ASP A 73 -1.70 0.56 11.92
CA ASP A 73 -1.63 1.99 12.19
C ASP A 73 -0.15 2.30 12.40
N SER A 74 0.22 3.56 12.24
CA SER A 74 1.62 3.95 12.41
C SER A 74 2.17 3.72 13.82
N ALA A 75 1.30 3.71 14.82
CA ALA A 75 1.73 3.50 16.20
C ALA A 75 2.18 2.06 16.42
N ASP A 76 1.46 1.11 15.82
CA ASP A 76 1.76 -0.31 15.94
C ASP A 76 3.17 -0.67 15.53
N ALA A 77 3.71 0.05 14.55
CA ALA A 77 5.05 -0.21 14.04
C ALA A 77 6.14 -0.25 15.11
N ARG A 78 6.14 0.72 16.02
CA ARG A 78 7.17 0.74 17.04
C ARG A 78 7.11 -0.46 17.96
N VAL A 79 5.93 -0.79 18.47
CA VAL A 79 5.83 -1.92 19.36
C VAL A 79 6.21 -3.23 18.65
N ILE A 80 5.84 -3.35 17.39
CA ILE A 80 6.18 -4.55 16.62
C ILE A 80 7.69 -4.64 16.49
N VAL A 81 8.31 -3.52 16.13
CA VAL A 81 9.76 -3.47 15.97
C VAL A 81 10.48 -3.75 17.28
N GLU A 82 9.92 -3.27 18.38
CA GLU A 82 10.51 -3.49 19.70
C GLU A 82 10.45 -4.97 20.03
N ALA A 83 9.30 -5.58 19.77
CA ALA A 83 9.11 -7.00 20.04
C ALA A 83 10.07 -7.88 19.23
N CYS A 84 10.29 -7.54 17.97
CA CYS A 84 11.20 -8.31 17.13
C CYS A 84 12.63 -8.14 17.60
N SER A 85 13.00 -6.91 17.91
CA SER A 85 14.34 -6.58 18.37
C SER A 85 14.76 -7.37 19.61
N LYS A 86 13.85 -7.50 20.57
CA LYS A 86 14.15 -8.23 21.80
C LYS A 86 14.15 -9.74 21.56
N ALA A 87 13.36 -10.18 20.59
CA ALA A 87 13.30 -11.59 20.26
C ALA A 87 14.47 -12.00 19.37
N GLY A 88 15.14 -11.01 18.79
CA GLY A 88 16.26 -11.30 17.91
C GLY A 88 15.80 -11.62 16.50
N ALA A 89 14.51 -11.41 16.23
CA ALA A 89 13.97 -11.66 14.90
C ALA A 89 14.29 -10.46 14.00
N TYR A 90 14.00 -10.59 12.71
CA TYR A 90 14.25 -9.52 11.74
C TYR A 90 12.94 -9.07 11.13
N VAL A 91 12.75 -7.76 11.02
CA VAL A 91 11.48 -7.24 10.49
C VAL A 91 11.62 -6.12 9.48
N THR A 92 10.70 -6.12 8.52
CA THR A 92 10.65 -5.09 7.48
C THR A 92 9.27 -4.46 7.58
N THR A 93 9.22 -3.13 7.50
CA THR A 93 7.96 -2.40 7.58
C THR A 93 7.52 -1.88 6.22
N ILE A 94 6.21 -1.81 6.02
CA ILE A 94 5.64 -1.33 4.77
C ILE A 94 4.59 -0.26 5.04
N TRP A 95 4.71 0.89 4.40
CA TRP A 95 3.72 1.97 4.54
C TRP A 95 3.63 2.76 5.84
N ASN A 96 3.18 2.12 6.92
CA ASN A 96 2.96 2.81 8.19
C ASN A 96 4.02 2.71 9.30
N LYS A 97 4.38 3.86 9.84
CA LYS A 97 5.33 3.94 10.93
C LYS A 97 5.45 5.39 11.38
N PRO A 98 5.88 5.61 12.64
CA PRO A 98 6.02 6.98 13.15
C PRO A 98 7.19 7.63 12.42
N LYS A 99 7.19 8.95 12.33
CA LYS A 99 8.28 9.63 11.66
C LYS A 99 9.61 9.34 12.34
N ASP A 100 9.62 9.34 13.68
CA ASP A 100 10.85 9.11 14.45
C ASP A 100 11.40 7.70 14.44
N LEU A 101 10.57 6.71 14.09
CA LEU A 101 11.03 5.33 14.07
C LEU A 101 11.88 5.05 12.83
N HIS A 102 13.19 4.85 13.04
CA HIS A 102 14.10 4.56 11.93
C HIS A 102 14.80 3.23 12.11
N PRO A 103 14.94 2.45 11.02
CA PRO A 103 15.60 1.15 11.12
C PRO A 103 17.03 1.23 11.65
N TRP A 104 17.76 2.27 11.29
CA TRP A 104 19.15 2.42 11.75
C TRP A 104 19.27 2.62 13.25
N ASP A 105 18.16 2.87 13.93
CA ASP A 105 18.17 3.00 15.38
C ASP A 105 17.95 1.62 16.01
N TYR A 106 17.67 0.62 15.17
CA TYR A 106 17.47 -0.74 15.67
C TYR A 106 18.29 -1.75 14.87
N ASN A 107 19.58 -1.47 14.64
CA ASN A 107 20.44 -2.41 13.90
C ASN A 107 20.67 -3.69 14.70
N PRO A 108 20.59 -4.87 14.05
CA PRO A 108 20.30 -5.12 12.63
C PRO A 108 18.89 -5.69 12.45
N ASN A 109 18.18 -5.87 13.57
CA ASN A 109 16.83 -6.44 13.57
C ASN A 109 15.78 -5.73 12.72
N TYR A 110 15.78 -4.40 12.74
CA TYR A 110 14.84 -3.63 11.94
C TYR A 110 15.54 -3.42 10.60
N VAL A 111 15.36 -4.38 9.70
CA VAL A 111 16.01 -4.36 8.39
C VAL A 111 15.68 -3.16 7.50
N ALA A 112 14.40 -2.89 7.30
CA ALA A 112 14.06 -1.76 6.44
C ALA A 112 12.58 -1.38 6.45
N HIS A 113 12.33 -0.16 5.98
CA HIS A 113 11.00 0.39 5.85
C HIS A 113 10.86 0.69 4.36
N LEU A 114 9.77 0.22 3.75
CA LEU A 114 9.55 0.47 2.33
C LEU A 114 8.29 1.30 2.16
N SER A 115 8.31 2.20 1.18
CA SER A 115 7.16 3.04 0.96
C SER A 115 7.25 3.70 -0.40
N TYR A 116 6.25 4.51 -0.72
CA TYR A 116 6.22 5.23 -1.98
C TYR A 116 5.81 6.64 -1.63
N ASP A 117 6.14 7.57 -2.53
CA ASP A 117 5.83 8.99 -2.35
C ASP A 117 4.33 9.23 -2.60
N GLY A 118 3.53 9.14 -1.54
CA GLY A 118 2.10 9.34 -1.68
C GLY A 118 1.67 10.74 -2.08
N VAL A 119 2.50 11.73 -1.78
CA VAL A 119 2.18 13.11 -2.13
C VAL A 119 2.29 13.28 -3.63
N ALA A 120 3.34 12.71 -4.21
CA ALA A 120 3.56 12.82 -5.65
C ALA A 120 2.50 12.06 -6.44
N TYR A 121 2.33 10.77 -6.15
CA TYR A 121 1.36 9.95 -6.84
C TYR A 121 -0.08 10.40 -6.61
N GLY A 122 -0.38 10.90 -5.41
CA GLY A 122 -1.73 11.36 -5.13
C GLY A 122 -2.02 12.55 -6.01
N GLU A 123 -1.02 13.41 -6.17
CA GLU A 123 -1.14 14.58 -7.00
C GLU A 123 -1.22 14.14 -8.46
N GLU A 124 -0.59 13.01 -8.76
CA GLU A 124 -0.59 12.48 -10.12
C GLU A 124 -1.97 12.02 -10.57
N THR A 125 -2.61 11.19 -9.74
CA THR A 125 -3.94 10.67 -10.07
C THR A 125 -4.97 11.80 -10.05
N ALA A 126 -4.79 12.75 -9.14
CA ALA A 126 -5.69 13.87 -9.02
C ALA A 126 -5.56 14.79 -10.24
N THR A 127 -4.34 14.95 -10.72
CA THR A 127 -4.11 15.81 -11.88
C THR A 127 -4.77 15.19 -13.12
N GLN A 128 -4.64 13.87 -13.25
CA GLN A 128 -5.23 13.17 -14.39
C GLN A 128 -6.74 13.28 -14.33
N LEU A 129 -7.29 13.15 -13.11
CA LEU A 129 -8.72 13.23 -12.91
C LEU A 129 -9.26 14.61 -13.29
N PHE A 130 -8.56 15.67 -12.87
CA PHE A 130 -9.01 17.01 -13.19
C PHE A 130 -8.89 17.31 -14.67
N LYS A 131 -7.92 16.70 -15.34
CA LYS A 131 -7.78 16.93 -16.77
C LYS A 131 -9.04 16.36 -17.42
N SER A 132 -9.39 15.15 -17.02
CA SER A 132 -10.56 14.48 -17.57
C SER A 132 -11.82 15.31 -17.41
N GLY A 134 -11.93 18.49 -17.61
CA GLY A 134 -11.80 19.75 -18.31
C GLY A 134 -11.27 20.80 -17.35
N GLY A 135 -10.75 20.33 -16.21
CA GLY A 135 -10.19 21.22 -15.20
C GLY A 135 -11.18 22.03 -14.41
N LYS A 136 -12.46 21.75 -14.59
CA LYS A 136 -13.53 22.48 -13.90
C LYS A 136 -14.60 21.49 -13.46
N GLY A 137 -15.20 21.73 -12.30
CA GLY A 137 -16.22 20.81 -11.85
C GLY A 137 -16.12 20.42 -10.40
N GLY A 138 -17.17 19.79 -9.90
CA GLY A 138 -17.20 19.38 -8.51
C GLY A 138 -16.60 18.00 -8.31
N VAL A 139 -15.81 17.88 -7.24
CA VAL A 139 -15.14 16.61 -6.95
C VAL A 139 -15.32 16.15 -5.52
N VAL A 140 -15.60 14.86 -5.34
CA VAL A 140 -15.71 14.29 -4.00
C VAL A 140 -14.49 13.39 -3.84
N ALA A 141 -13.97 13.25 -2.62
CA ALA A 141 -12.79 12.42 -2.40
C ALA A 141 -12.90 11.49 -1.20
N LEU A 142 -12.44 10.25 -1.39
CA LEU A 142 -12.48 9.21 -0.37
C LEU A 142 -11.08 8.93 0.15
N GLY A 143 -10.90 9.03 1.46
CA GLY A 143 -9.58 8.80 2.04
C GLY A 143 -9.42 7.53 2.85
N GLY A 144 -8.18 7.15 3.12
CA GLY A 144 -7.91 5.96 3.90
C GLY A 144 -7.87 6.25 5.39
N ILE A 145 -7.56 5.24 6.20
CA ILE A 145 -7.48 5.42 7.65
C ILE A 145 -6.74 6.73 7.96
N PHE A 146 -7.40 7.59 8.73
CA PHE A 146 -6.87 8.89 9.12
C PHE A 146 -5.38 8.96 9.44
N SER A 147 -4.92 8.13 10.39
CA SER A 147 -3.52 8.16 10.80
C SER A 147 -2.48 7.46 9.92
N ASN A 148 -2.91 6.67 8.93
CA ASN A 148 -1.97 5.97 8.03
C ASN A 148 -1.13 6.94 7.22
N VAL A 149 0.18 6.66 7.12
CA VAL A 149 1.07 7.53 6.37
C VAL A 149 0.69 7.69 4.89
N PRO A 150 0.27 6.60 4.22
CA PRO A 150 -0.10 6.79 2.81
C PRO A 150 -1.40 7.58 2.65
N ALA A 151 -2.31 7.43 3.61
CA ALA A 151 -3.58 8.14 3.56
C ALA A 151 -3.33 9.65 3.68
N ILE A 152 -2.40 10.00 4.56
CA ILE A 152 -2.02 11.38 4.81
C ILE A 152 -1.29 11.98 3.62
N GLU A 153 -0.35 11.22 3.06
CA GLU A 153 0.42 11.71 1.93
C GLU A 153 -0.41 11.83 0.64
N ARG A 154 -1.18 10.80 0.31
CA ARG A 154 -2.01 10.83 -0.91
C ARG A 154 -3.02 12.00 -0.85
N LYS A 155 -3.59 12.21 0.33
CA LYS A 155 -4.54 13.28 0.54
C LYS A 155 -3.80 14.60 0.35
N ALA A 156 -2.53 14.62 0.75
CA ALA A 156 -1.72 15.80 0.61
C ALA A 156 -1.49 16.02 -0.88
N GLY A 157 -1.33 14.92 -1.62
CA GLY A 157 -1.13 15.01 -3.04
C GLY A 157 -2.38 15.57 -3.71
N LEU A 158 -3.55 15.17 -3.21
CA LEU A 158 -4.83 15.64 -3.76
C LEU A 158 -4.94 17.15 -3.55
N ASP A 159 -4.81 17.58 -2.30
CA ASP A 159 -4.90 18.99 -1.96
C ASP A 159 -3.96 19.88 -2.79
N ALA A 160 -2.86 19.31 -3.26
CA ALA A 160 -1.90 20.06 -4.06
C ALA A 160 -2.37 20.18 -5.51
N ALA A 161 -3.03 19.14 -6.00
CA ALA A 161 -3.52 19.16 -7.37
C ALA A 161 -4.65 20.20 -7.43
N LEU A 162 -5.40 20.31 -6.34
CA LEU A 162 -6.49 21.26 -6.25
C LEU A 162 -5.96 22.69 -6.32
N LYS A 163 -4.86 22.95 -5.61
CA LYS A 163 -4.26 24.27 -5.60
C LYS A 163 -3.82 24.67 -7.00
N LYS A 164 -3.53 23.68 -7.83
CA LYS A 164 -3.08 23.97 -9.18
C LYS A 164 -4.23 23.94 -10.20
N PHE A 165 -5.44 23.71 -9.70
CA PHE A 165 -6.64 23.68 -10.54
C PHE A 165 -7.71 24.43 -9.76
N PRO A 166 -7.66 25.76 -9.78
CA PRO A 166 -8.67 26.52 -9.04
C PRO A 166 -10.08 26.36 -9.62
N GLY A 167 -10.15 25.77 -10.80
CA GLY A 167 -11.44 25.58 -11.43
C GLY A 167 -12.14 24.36 -10.86
N ILE A 168 -11.43 23.58 -10.03
CA ILE A 168 -12.00 22.39 -9.41
C ILE A 168 -12.52 22.74 -8.02
N GLN A 169 -13.73 22.32 -7.71
CA GLN A 169 -14.32 22.60 -6.41
C GLN A 169 -14.43 21.28 -5.62
N LEU A 170 -13.72 21.21 -4.50
CA LEU A 170 -13.75 20.01 -3.66
C LEU A 170 -15.05 20.00 -2.89
N LEU A 171 -15.99 19.17 -3.33
CA LEU A 171 -17.27 19.11 -2.67
C LEU A 171 -17.25 18.56 -1.24
N ASP A 172 -16.50 17.47 -1.02
CA ASP A 172 -16.44 16.87 0.31
C ASP A 172 -15.45 15.72 0.43
N PHE A 173 -14.63 15.72 1.48
CA PHE A 173 -13.67 14.65 1.69
C PHE A 173 -14.17 13.78 2.83
N GLN A 174 -14.15 12.47 2.62
CA GLN A 174 -14.61 11.52 3.63
C GLN A 174 -13.70 10.30 3.71
N VAL A 175 -13.48 9.82 4.91
CA VAL A 175 -12.65 8.65 5.16
C VAL A 175 -13.49 7.38 5.04
N ALA A 176 -13.00 6.42 4.27
CA ALA A 176 -13.71 5.15 4.10
C ALA A 176 -12.83 3.98 4.53
N ASP A 177 -11.75 4.30 5.24
CA ASP A 177 -10.82 3.31 5.78
C ASP A 177 -10.35 2.21 4.80
N TRP A 178 -10.03 2.58 3.56
CA TRP A 178 -9.55 1.63 2.54
C TRP A 178 -10.56 0.53 2.15
N ASN A 179 -11.78 0.60 2.69
CA ASN A 179 -12.80 -0.43 2.45
C ASN A 179 -13.87 -0.03 1.43
N SER A 180 -14.10 -0.89 0.43
CA SER A 180 -15.10 -0.57 -0.60
C SER A 180 -16.51 -0.55 -0.03
N GLN A 181 -16.75 -1.41 0.95
CA GLN A 181 -18.06 -1.52 1.59
C GLN A 181 -18.40 -0.30 2.42
N LYS A 182 -17.38 0.47 2.78
CA LYS A 182 -17.59 1.68 3.54
C LYS A 182 -17.71 2.85 2.56
N ALA A 183 -17.06 2.73 1.42
CA ALA A 183 -17.11 3.78 0.40
C ALA A 183 -18.45 3.79 -0.34
N PHE A 184 -19.05 2.61 -0.50
CA PHE A 184 -20.31 2.47 -1.19
C PHE A 184 -21.38 3.41 -0.63
N PRO A 185 -21.82 3.20 0.64
CA PRO A 185 -22.84 4.08 1.19
C PRO A 185 -22.47 5.56 1.26
N ILE A 186 -21.17 5.87 1.26
CA ILE A 186 -20.74 7.26 1.30
C ILE A 186 -20.95 7.90 -0.09
N GLN A 188 -23.21 6.97 -2.22
CA GLN A 188 -24.64 7.10 -2.37
C GLN A 188 -25.15 8.40 -1.77
N ALA A 189 -24.77 8.64 -0.51
CA ALA A 189 -25.19 9.85 0.19
C ALA A 189 -24.68 11.11 -0.52
N TRP A 190 -23.51 11.03 -1.14
CA TRP A 190 -22.96 12.18 -1.88
C TRP A 190 -23.77 12.48 -3.13
N THR A 192 -26.91 11.86 -3.53
CA THR A 192 -28.20 12.36 -3.10
C THR A 192 -28.04 13.82 -2.67
N ARG A 193 -26.89 14.11 -2.05
CA ARG A 193 -26.61 15.45 -1.56
C ARG A 193 -26.17 16.45 -2.60
N PHE A 194 -25.28 16.04 -3.50
CA PHE A 194 -24.74 16.93 -4.54
C PHE A 194 -25.26 16.73 -5.96
N ASN A 195 -25.82 15.56 -6.25
CA ASN A 195 -26.37 15.29 -7.59
C ASN A 195 -25.42 15.65 -8.73
N SER A 196 -25.94 16.37 -9.73
CA SER A 196 -25.15 16.75 -10.91
C SER A 196 -23.88 17.53 -10.62
N LYS A 197 -23.79 18.12 -9.43
CA LYS A 197 -22.62 18.88 -9.06
C LYS A 197 -21.35 18.01 -9.06
N ILE A 198 -21.51 16.70 -8.92
CA ILE A 198 -20.37 15.78 -8.91
C ILE A 198 -19.89 15.48 -10.34
N LYS A 199 -18.72 16.02 -10.69
CA LYS A 199 -18.13 15.81 -12.04
C LYS A 199 -16.94 14.85 -11.99
N GLY A 200 -16.65 14.31 -10.82
CA GLY A 200 -15.53 13.40 -10.68
C GLY A 200 -15.39 12.84 -9.28
N VAL A 201 -14.56 11.80 -9.16
CA VAL A 201 -14.33 11.13 -7.88
C VAL A 201 -12.88 10.69 -7.74
N TRP A 202 -12.26 11.07 -6.63
CA TRP A 202 -10.87 10.71 -6.31
C TRP A 202 -10.91 9.75 -5.12
N ALA A 203 -10.22 8.62 -5.22
CA ALA A 203 -10.16 7.63 -4.15
C ALA A 203 -8.71 7.36 -3.75
N ALA A 204 -8.45 7.29 -2.44
CA ALA A 204 -7.10 7.06 -1.93
C ALA A 204 -6.52 5.67 -2.26
N ASN A 205 -7.36 4.74 -2.71
CA ASN A 205 -6.89 3.40 -3.12
C ASN A 205 -7.93 2.76 -4.04
N ASP A 206 -7.58 1.66 -4.70
CA ASP A 206 -8.51 1.01 -5.62
C ASP A 206 -9.80 0.47 -5.00
N ASP A 207 -9.68 -0.17 -3.84
CA ASP A 207 -10.84 -0.74 -3.19
C ASP A 207 -11.95 0.30 -3.00
N ALA A 209 -12.28 3.08 -4.67
CA ALA A 209 -12.73 3.53 -5.99
C ALA A 209 -13.73 2.54 -6.56
N LEU A 210 -13.49 1.25 -6.35
CA LEU A 210 -14.40 0.21 -6.84
C LEU A 210 -15.69 0.29 -6.06
N GLY A 211 -15.59 0.73 -4.81
CA GLY A 211 -16.78 0.87 -3.98
C GLY A 211 -17.56 2.05 -4.53
N ALA A 212 -16.84 3.11 -4.92
CA ALA A 212 -17.46 4.29 -5.49
C ALA A 212 -18.14 3.91 -6.83
N ILE A 213 -17.43 3.14 -7.64
CA ILE A 213 -17.95 2.72 -8.93
C ILE A 213 -19.16 1.79 -8.81
N GLU A 214 -19.26 1.07 -7.71
CA GLU A 214 -20.41 0.18 -7.51
C GLU A 214 -21.65 1.00 -7.22
N ALA A 215 -21.46 2.14 -6.57
CA ALA A 215 -22.55 3.04 -6.25
C ALA A 215 -22.96 3.74 -7.54
N LEU A 216 -21.99 4.18 -8.33
CA LEU A 216 -22.30 4.83 -9.61
C LEU A 216 -23.07 3.87 -10.51
N ARG A 217 -22.59 2.63 -10.59
CA ARG A 217 -23.23 1.62 -11.42
C ARG A 217 -24.69 1.44 -10.99
N ALA A 218 -24.95 1.52 -9.69
CA ALA A 218 -26.32 1.38 -9.17
C ALA A 218 -27.21 2.54 -9.60
N GLU A 219 -26.61 3.67 -9.95
CA GLU A 219 -27.36 4.84 -10.38
C GLU A 219 -27.20 5.12 -11.87
N GLY A 220 -26.66 4.14 -12.58
CA GLY A 220 -26.47 4.27 -14.02
C GLY A 220 -25.54 5.38 -14.45
N LEU A 221 -24.46 5.59 -13.70
CA LEU A 221 -23.51 6.64 -14.03
C LEU A 221 -22.10 6.08 -14.13
N ALA A 222 -21.95 4.78 -13.91
CA ALA A 222 -20.62 4.16 -13.99
C ALA A 222 -20.05 4.39 -15.38
N GLY A 223 -18.89 5.05 -15.46
CA GLY A 223 -18.29 5.32 -16.74
C GLY A 223 -18.60 6.71 -17.26
N GLN A 224 -19.55 7.41 -16.62
CA GLN A 224 -19.92 8.76 -17.03
C GLN A 224 -19.28 9.77 -16.07
N ILE A 225 -18.90 9.29 -14.89
CA ILE A 225 -18.23 10.12 -13.92
C ILE A 225 -16.86 9.49 -13.72
N PRO A 226 -15.78 10.22 -14.07
CA PRO A 226 -14.41 9.73 -13.94
C PRO A 226 -14.00 9.50 -12.49
N VAL A 227 -13.32 8.38 -12.25
CA VAL A 227 -12.87 8.03 -10.92
C VAL A 227 -11.44 7.56 -10.97
N THR A 228 -10.69 7.80 -9.90
CA THR A 228 -9.31 7.35 -9.82
C THR A 228 -9.04 6.62 -8.51
N GLY A 229 -8.03 5.76 -8.51
CA GLY A 229 -7.68 5.00 -7.33
C GLY A 229 -6.18 4.88 -7.19
N ASP A 231 -3.13 1.52 -6.32
CA ASP A 231 -2.78 0.15 -5.93
C ASP A 231 -2.46 -0.66 -7.18
N GLY A 232 -3.23 -0.46 -8.24
CA GLY A 232 -3.01 -1.19 -9.48
C GLY A 232 -3.39 -2.64 -9.36
N THR A 233 -4.38 -2.95 -8.53
CA THR A 233 -4.85 -4.31 -8.33
C THR A 233 -5.59 -4.78 -9.59
N GLN A 234 -5.57 -6.09 -9.84
CA GLN A 234 -6.23 -6.67 -11.00
C GLN A 234 -7.65 -6.13 -11.22
N PRO A 235 -8.50 -6.14 -10.17
CA PRO A 235 -9.86 -5.64 -10.36
C PRO A 235 -9.85 -4.16 -10.71
N GLY A 236 -8.87 -3.43 -10.20
CA GLY A 236 -8.76 -2.02 -10.51
C GLY A 236 -8.38 -1.86 -11.98
N LEU A 237 -7.45 -2.71 -12.43
CA LEU A 237 -6.99 -2.68 -13.81
C LEU A 237 -8.13 -2.98 -14.78
N VAL A 238 -8.98 -3.91 -14.40
CA VAL A 238 -10.13 -4.27 -15.24
C VAL A 238 -11.03 -3.04 -15.39
N ALA A 239 -11.26 -2.34 -14.30
CA ALA A 239 -12.10 -1.16 -14.35
C ALA A 239 -11.45 -0.10 -15.23
N ILE A 240 -10.13 -0.09 -15.30
CA ILE A 240 -9.46 0.90 -16.14
C ILE A 240 -9.63 0.57 -17.63
N LYS A 241 -9.48 -0.70 -17.97
CA LYS A 241 -9.62 -1.09 -19.37
C LYS A 241 -11.07 -0.90 -19.83
N SER A 242 -12.00 -0.93 -18.88
CA SER A 242 -13.42 -0.77 -19.19
C SER A 242 -13.86 0.69 -19.21
N GLY A 243 -12.92 1.60 -18.95
CA GLY A 243 -13.24 3.01 -18.96
C GLY A 243 -13.93 3.53 -17.71
N GLU A 244 -14.09 2.71 -16.69
CA GLU A 244 -14.76 3.17 -15.50
C GLU A 244 -13.85 3.85 -14.49
N LEU A 245 -12.57 3.48 -14.50
CA LEU A 245 -11.57 4.06 -13.63
C LEU A 245 -10.61 4.74 -14.61
N VAL A 246 -10.32 6.02 -14.42
CA VAL A 246 -9.42 6.69 -15.36
C VAL A 246 -7.94 6.52 -15.06
N ALA A 247 -7.61 6.16 -13.83
CA ALA A 247 -6.21 5.99 -13.46
C ALA A 247 -6.00 5.35 -12.10
N SER A 248 -4.83 4.77 -11.92
CA SER A 248 -4.44 4.14 -10.67
C SER A 248 -2.90 4.15 -10.61
N VAL A 249 -2.34 3.60 -9.55
CA VAL A 249 -0.90 3.55 -9.42
C VAL A 249 -0.53 2.16 -8.90
N ASP A 250 0.35 1.48 -9.63
CA ASP A 250 0.75 0.13 -9.25
C ASP A 250 1.97 0.10 -8.33
N TRP A 251 1.74 -0.35 -7.08
CA TRP A 251 2.79 -0.45 -6.07
C TRP A 251 3.40 -1.84 -6.17
N ASP A 252 2.72 -2.72 -6.88
CA ASP A 252 3.17 -4.09 -7.05
C ASP A 252 3.21 -4.77 -5.69
N PRO A 253 2.03 -5.00 -5.09
CA PRO A 253 1.93 -5.65 -3.79
C PRO A 253 2.58 -7.03 -3.80
N PHE A 254 2.43 -7.76 -4.90
CA PHE A 254 3.06 -9.06 -5.01
C PHE A 254 4.55 -8.91 -4.69
N TRP A 255 5.22 -8.04 -5.45
CA TRP A 255 6.65 -7.79 -5.25
C TRP A 255 6.94 -7.31 -3.81
N LEU A 256 6.12 -6.38 -3.32
CA LEU A 256 6.31 -5.87 -1.97
C LEU A 256 6.28 -6.99 -0.95
N GLY A 257 5.32 -7.90 -1.11
CA GLY A 257 5.19 -9.03 -0.19
C GLY A 257 6.39 -9.94 -0.11
N GLY A 258 7.01 -10.20 -1.26
CA GLY A 258 8.16 -11.08 -1.28
C GLY A 258 9.48 -10.40 -0.98
N ILE A 259 9.70 -9.23 -1.55
CA ILE A 259 10.95 -8.51 -1.35
C ILE A 259 11.17 -8.16 0.13
N GLY A 260 10.11 -7.74 0.83
CA GLY A 260 10.23 -7.40 2.24
C GLY A 260 10.89 -8.54 3.01
N LEU A 261 10.40 -9.76 2.78
CA LEU A 261 10.94 -10.94 3.44
C LEU A 261 12.35 -11.28 2.92
N SER A 262 12.58 -11.06 1.64
CA SER A 262 13.89 -11.33 1.05
C SER A 262 14.95 -10.49 1.77
N GLY A 264 14.80 -9.11 4.70
CA GLY A 264 14.90 -9.61 6.05
C GLY A 264 15.68 -10.90 6.17
N LEU A 265 15.44 -11.85 5.26
CA LEU A 265 16.13 -13.13 5.31
C LEU A 265 17.62 -13.00 5.02
N GLN A 266 17.97 -12.13 4.06
CA GLN A 266 19.36 -11.92 3.72
C GLN A 266 20.08 -11.19 4.84
N ALA A 267 19.35 -10.42 5.64
CA ALA A 267 19.98 -9.72 6.75
C ALA A 267 20.29 -10.75 7.82
N LYS A 268 19.32 -11.64 8.09
CA LYS A 268 19.48 -12.69 9.09
C LYS A 268 20.61 -13.64 8.73
N GLU A 269 20.78 -13.91 7.45
CA GLU A 269 21.84 -14.81 7.00
C GLU A 269 23.15 -14.08 6.86
N LYS A 270 23.14 -12.80 7.24
CA LYS A 270 24.33 -11.99 7.16
C LYS A 270 24.87 -11.91 5.74
N LYS A 271 23.97 -11.98 4.76
CA LYS A 271 24.33 -11.87 3.36
C LYS A 271 24.51 -10.39 3.02
N ILE A 272 23.89 -9.51 3.83
CA ILE A 272 24.02 -8.09 3.62
C ILE A 272 24.49 -7.39 4.90
N ASP A 273 25.32 -6.37 4.74
CA ASP A 273 25.87 -5.64 5.88
C ASP A 273 25.06 -4.39 6.23
N LEU A 274 23.90 -4.61 6.84
CA LEU A 274 23.00 -3.53 7.24
C LEU A 274 23.66 -2.23 7.70
N ALA A 275 24.60 -2.35 8.63
CA ALA A 275 25.29 -1.19 9.19
C ALA A 275 25.95 -0.29 8.14
N THR A 276 26.33 -0.86 7.00
CA THR A 276 27.00 -0.11 5.94
C THR A 276 26.11 0.34 4.78
N LEU A 277 24.81 0.08 4.85
CA LEU A 277 23.90 0.47 3.76
C LEU A 277 23.58 1.95 3.75
N PRO A 278 23.38 2.52 2.55
CA PRO A 278 23.04 3.94 2.51
C PRO A 278 21.66 4.05 3.15
N LYS A 279 21.28 5.26 3.55
CA LYS A 279 19.98 5.47 4.18
C LYS A 279 18.83 5.11 3.24
N ASP A 280 18.96 5.44 1.95
CA ASP A 280 17.90 5.14 1.00
C ASP A 280 17.68 3.65 0.74
N ARG A 281 18.48 2.81 1.38
CA ARG A 281 18.34 1.37 1.25
C ARG A 281 17.78 0.82 2.56
N ARG A 282 17.68 1.70 3.54
CA ARG A 282 17.14 1.39 4.87
C ARG A 282 15.69 1.88 4.94
N GLU A 283 15.47 3.09 4.44
CA GLU A 283 14.14 3.71 4.37
C GLU A 283 14.03 4.16 2.93
N SER A 284 13.29 3.41 2.13
CA SER A 284 13.18 3.70 0.70
C SER A 284 11.81 4.07 0.15
N PHE A 285 11.81 4.96 -0.83
CA PHE A 285 10.59 5.32 -1.54
C PHE A 285 10.87 4.47 -2.76
N CYS A 286 9.91 3.66 -3.19
CA CYS A 286 10.16 2.80 -4.34
C CYS A 286 9.51 3.35 -5.61
N THR A 287 9.92 2.81 -6.75
CA THR A 287 9.37 3.25 -8.02
C THR A 287 8.07 2.53 -8.26
N ALA A 288 7.03 3.28 -8.67
CA ALA A 288 5.74 2.69 -8.96
C ALA A 288 5.41 2.99 -10.41
N THR A 289 4.35 2.37 -10.93
CA THR A 289 3.93 2.59 -12.33
C THR A 289 2.56 3.26 -12.41
N PHE A 290 2.52 4.47 -12.95
CA PHE A 290 1.24 5.15 -13.11
C PHE A 290 0.55 4.36 -14.20
N VAL A 291 -0.72 4.01 -13.99
CA VAL A 291 -1.43 3.24 -15.00
C VAL A 291 -2.72 3.90 -15.47
N THR A 292 -2.90 3.89 -16.79
CA THR A 292 -4.07 4.47 -17.43
C THR A 292 -4.39 3.58 -18.63
N LYS A 293 -5.46 3.85 -19.37
CA LYS A 293 -5.79 2.99 -20.51
C LYS A 293 -4.67 2.85 -21.53
N THR A 294 -3.79 3.85 -21.62
CA THR A 294 -2.72 3.78 -22.61
C THR A 294 -1.69 2.70 -22.31
N ASN A 295 -1.46 2.40 -21.03
CA ASN A 295 -0.50 1.36 -20.69
C ASN A 295 -1.13 0.26 -19.85
N VAL A 296 -2.45 0.28 -19.70
CA VAL A 296 -3.09 -0.73 -18.87
C VAL A 296 -2.83 -2.17 -19.31
N GLN A 297 -2.84 -2.41 -20.61
CA GLN A 297 -2.62 -3.76 -21.09
C GLN A 297 -1.26 -4.31 -20.63
N ASP A 298 -0.24 -3.47 -20.59
CA ASP A 298 1.08 -3.90 -20.15
C ASP A 298 1.11 -4.24 -18.66
N VAL A 299 0.41 -3.46 -17.86
CA VAL A 299 0.39 -3.72 -16.43
C VAL A 299 -0.38 -5.00 -16.16
N ILE A 300 -1.48 -5.22 -16.89
CA ILE A 300 -2.26 -6.44 -16.69
C ILE A 300 -1.42 -7.68 -16.98
N ALA A 301 -0.70 -7.67 -18.10
CA ALA A 301 0.16 -8.78 -18.50
C ALA A 301 1.26 -9.06 -17.47
N ARG A 302 1.69 -8.02 -16.78
CA ARG A 302 2.73 -8.14 -15.77
C ARG A 302 2.20 -8.96 -14.58
N ALA A 303 0.96 -8.67 -14.21
CA ALA A 303 0.29 -9.32 -13.09
C ALA A 303 -0.43 -10.60 -13.53
N ALA A 304 0.33 -11.57 -14.01
CA ALA A 304 -0.20 -12.85 -14.47
C ALA A 304 1.03 -13.65 -14.89
N SER A 305 2.13 -12.93 -14.98
CA SER A 305 3.43 -13.47 -15.38
C SER A 305 4.49 -12.65 -14.65
N PRO A 306 4.42 -12.62 -13.30
CA PRO A 306 5.37 -11.87 -12.47
C PRO A 306 6.77 -12.45 -12.40
N LYS A 307 7.76 -11.64 -12.76
CA LYS A 307 9.15 -12.05 -12.69
C LYS A 307 9.66 -11.74 -11.28
N ALA A 308 9.46 -12.70 -10.39
CA ALA A 308 9.88 -12.61 -8.98
C ALA A 308 11.40 -12.35 -8.80
N GLU A 309 11.80 -11.09 -8.86
CA GLU A 309 13.21 -10.69 -8.72
C GLU A 309 13.74 -10.62 -7.30
N TRP A 310 13.29 -11.55 -6.46
CA TRP A 310 13.66 -11.63 -5.05
C TRP A 310 15.15 -11.35 -4.72
N ASN A 311 16.04 -11.85 -5.56
CA ASN A 311 17.47 -11.69 -5.36
C ASN A 311 17.98 -10.25 -5.48
N ASN A 312 17.35 -9.47 -6.36
CA ASN A 312 17.75 -8.09 -6.61
C ASN A 312 17.06 -7.10 -5.66
N LEU A 313 17.49 -7.10 -4.41
CA LEU A 313 16.91 -6.25 -3.35
C LEU A 313 16.65 -4.75 -3.57
N TYR A 314 17.57 -4.02 -4.16
CA TYR A 314 17.37 -2.58 -4.33
C TYR A 314 17.13 -2.13 -5.76
N ALA A 315 16.53 -3.02 -6.56
CA ALA A 315 16.25 -2.72 -7.94
C ALA A 315 15.21 -1.62 -8.15
N ARG A 316 14.36 -1.39 -7.15
CA ARG A 316 13.30 -0.39 -7.26
C ARG A 316 13.39 0.78 -6.30
N VAL A 317 14.59 1.10 -5.83
CA VAL A 317 14.76 2.20 -4.91
C VAL A 317 14.77 3.50 -5.69
N ALA A 318 13.75 4.33 -5.50
CA ALA A 318 13.67 5.62 -6.19
C ALA A 318 14.48 6.63 -5.39
N GLY A 319 14.45 6.48 -4.07
CA GLY A 319 15.19 7.39 -3.20
C GLY A 319 14.80 7.12 -1.76
N PRO A 320 15.34 7.89 -0.80
CA PRO A 320 14.97 7.66 0.61
C PRO A 320 13.60 8.23 0.89
N VAL A 321 12.96 7.78 1.97
CA VAL A 321 11.65 8.31 2.30
C VAL A 321 11.88 9.76 2.71
N VAL A 322 10.96 10.64 2.35
CA VAL A 322 11.09 12.04 2.70
C VAL A 322 9.95 12.40 3.63
N TYR A 323 10.16 13.42 4.45
CA TYR A 323 9.14 13.88 5.37
C TYR A 323 8.97 15.38 5.23
N ARG A 324 7.73 15.83 5.03
CA ARG A 324 7.46 17.26 4.88
C ARG A 324 7.66 17.98 6.23
#